data_2BEM
#
_entry.id   2BEM
#
_cell.length_a   51.936
_cell.length_b   58.053
_cell.length_c   159.829
_cell.angle_alpha   90.00
_cell.angle_beta   90.00
_cell.angle_gamma   90.00
#
_symmetry.space_group_name_H-M   'P 21 21 21'
#
loop_
_entity.id
_entity.type
_entity.pdbx_description
1 polymer CBP21
2 non-polymer 1,2-ETHANEDIOL
3 non-polymer 'SULFATE ION'
4 non-polymer 'SODIUM ION'
5 water water
#
_entity_poly.entity_id   1
_entity_poly.type   'polypeptide(L)'
_entity_poly.pdbx_seq_one_letter_code
;HGYVESPASRAYQCKLQLNTQCGSVQYEPQSVEGLKGFPQAGPADGHIASADKSTFFELDQQTPTRWNKLNLKTGPNSFT
WKLTARHSTTSWRYFITKPNWDASQPLTRASFDLTPFCQFNDGGAIPAAQVTHQCNIPADRSGSHVILAVWDIADTANAF
YQAIDVNLSK
;
_entity_poly.pdbx_strand_id   A,B,C
#
loop_
_chem_comp.id
_chem_comp.type
_chem_comp.name
_chem_comp.formula
EDO non-polymer 1,2-ETHANEDIOL 'C2 H6 O2'
NA non-polymer 'SODIUM ION' 'Na 1'
SO4 non-polymer 'SULFATE ION' 'O4 S -2'
#
# COMPACT_ATOMS: atom_id res chain seq x y z
N HIS A 1 6.30 19.38 -5.90
CA HIS A 1 5.09 18.87 -6.57
C HIS A 1 5.39 17.54 -7.24
N GLY A 2 4.59 16.54 -6.88
CA GLY A 2 4.82 15.23 -7.47
C GLY A 2 3.91 14.24 -6.76
N TYR A 3 3.88 13.00 -7.24
CA TYR A 3 3.01 11.98 -6.65
C TYR A 3 3.68 10.62 -6.79
N VAL A 4 3.20 9.64 -6.02
CA VAL A 4 3.76 8.28 -6.13
C VAL A 4 3.01 7.62 -7.28
N GLU A 5 3.77 7.32 -8.32
CA GLU A 5 3.23 6.71 -9.52
C GLU A 5 3.11 5.19 -9.45
N SER A 6 3.97 4.55 -8.65
CA SER A 6 3.94 3.10 -8.52
C SER A 6 4.51 2.76 -7.16
N PRO A 7 3.73 2.17 -6.27
CA PRO A 7 2.32 1.76 -6.40
C PRO A 7 1.50 3.05 -6.48
N ALA A 8 0.60 3.11 -7.47
CA ALA A 8 -0.15 4.36 -7.71
C ALA A 8 -0.89 4.86 -6.48
N SER A 9 -0.61 6.12 -6.11
CA SER A 9 -1.25 6.66 -4.90
C SER A 9 -2.72 6.90 -5.11
N ARG A 10 -3.40 7.21 -4.01
CA ARG A 10 -4.84 7.49 -4.08
C ARG A 10 -5.10 8.67 -5.00
N ALA A 11 -4.33 9.73 -4.84
CA ALA A 11 -4.46 10.92 -5.72
C ALA A 11 -4.22 10.57 -7.18
N TYR A 12 -3.17 9.76 -7.46
CA TYR A 12 -2.88 9.43 -8.87
C TYR A 12 -3.97 8.50 -9.42
N GLN A 13 -4.44 7.56 -8.61
CA GLN A 13 -5.55 6.70 -9.07
C GLN A 13 -6.80 7.52 -9.34
N CYS A 14 -6.99 8.61 -8.60
CA CYS A 14 -8.09 9.52 -8.92
C CYS A 14 -7.88 10.08 -10.33
N LYS A 15 -6.65 10.53 -10.65
CA LYS A 15 -6.40 11.05 -12.01
C LYS A 15 -6.65 9.94 -13.06
N LEU A 16 -6.24 8.70 -12.75
CA LEU A 16 -6.41 7.57 -13.68
C LEU A 16 -7.86 7.09 -13.79
N GLN A 17 -8.76 7.64 -12.94
CA GLN A 17 -10.19 7.31 -12.93
C GLN A 17 -10.43 5.90 -12.39
N LEU A 18 -9.49 5.42 -11.59
CA LEU A 18 -9.63 4.10 -10.91
C LEU A 18 -10.37 4.36 -9.59
N ASN A 19 -10.12 5.51 -8.98
CA ASN A 19 -10.92 5.92 -7.81
C ASN A 19 -12.12 6.78 -8.28
N THR A 20 -13.12 6.84 -7.42
CA THR A 20 -14.37 7.58 -7.72
C THR A 20 -14.63 8.71 -6.78
N GLN A 21 -15.43 9.68 -7.26
CA GLN A 21 -15.85 10.84 -6.47
C GLN A 21 -14.67 11.50 -5.78
N CYS A 22 -13.64 11.76 -6.60
CA CYS A 22 -12.41 12.37 -6.07
C CYS A 22 -12.36 13.87 -6.06
N GLY A 23 -13.24 14.54 -6.83
CA GLY A 23 -13.17 15.99 -6.85
C GLY A 23 -11.91 16.50 -7.51
N SER A 24 -11.48 17.66 -7.04
CA SER A 24 -10.37 18.40 -7.67
C SER A 24 -9.06 17.69 -7.89
N VAL A 25 -8.68 16.84 -6.93
CA VAL A 25 -7.38 16.21 -7.03
C VAL A 25 -7.19 15.37 -8.27
N GLN A 26 -8.27 14.86 -8.87
CA GLN A 26 -8.04 14.03 -10.05
C GLN A 26 -7.38 14.82 -11.19
N TYR A 27 -7.47 16.15 -11.12
CA TYR A 27 -6.88 17.04 -12.15
C TYR A 27 -5.55 17.62 -11.72
N GLU A 28 -5.05 17.22 -10.56
CA GLU A 28 -3.78 17.77 -10.03
C GLU A 28 -3.25 16.88 -8.91
N PRO A 29 -2.96 15.61 -9.21
CA PRO A 29 -2.46 14.68 -8.18
C PRO A 29 -1.12 15.02 -7.58
N GLN A 30 -0.39 15.88 -8.28
CA GLN A 30 0.96 16.28 -7.84
C GLN A 30 0.95 17.38 -6.79
N SER A 31 -0.22 17.88 -6.42
CA SER A 31 -0.27 19.03 -5.53
C SER A 31 -0.89 18.83 -4.17
N VAL A 32 -0.72 17.63 -3.61
CA VAL A 32 -1.28 17.36 -2.26
C VAL A 32 -0.26 17.91 -1.26
N GLU A 33 -0.27 19.23 -1.16
CA GLU A 33 0.69 20.01 -0.36
C GLU A 33 0.06 20.62 0.87
N GLY A 34 0.76 20.44 1.99
CA GLY A 34 0.31 21.00 3.26
C GLY A 34 1.54 21.39 4.09
N LEU A 35 1.38 21.55 5.39
CA LEU A 35 2.52 21.95 6.23
C LEU A 35 3.37 20.73 6.57
N LYS A 36 4.67 20.95 6.74
CA LYS A 36 5.58 19.86 7.11
C LYS A 36 5.64 19.69 8.62
N GLY A 37 6.54 18.80 9.08
CA GLY A 37 6.65 18.57 10.50
C GLY A 37 5.80 17.42 11.00
N PHE A 38 5.18 16.66 10.10
CA PHE A 38 4.33 15.54 10.57
C PHE A 38 5.26 14.52 11.28
N PRO A 39 4.78 13.83 12.36
CA PRO A 39 3.46 13.88 12.99
C PRO A 39 3.33 14.91 14.12
N GLN A 40 4.43 15.49 14.59
CA GLN A 40 4.31 16.45 15.66
C GLN A 40 3.50 17.67 15.24
N ALA A 41 3.63 18.07 13.98
CA ALA A 41 2.85 19.20 13.44
C ALA A 41 2.31 18.67 12.11
N GLY A 42 2.00 19.55 11.16
CA GLY A 42 1.49 19.01 9.91
C GLY A 42 -0.02 19.00 9.86
N PRO A 43 -0.59 18.39 8.83
CA PRO A 43 -2.05 18.35 8.68
C PRO A 43 -2.76 17.75 9.89
N ALA A 44 -3.91 18.33 10.22
CA ALA A 44 -4.65 17.81 11.36
C ALA A 44 -5.18 16.39 11.14
N ASP A 45 -5.39 15.67 12.25
CA ASP A 45 -5.99 14.36 12.20
C ASP A 45 -7.32 14.49 11.41
N GLY A 46 -7.55 13.52 10.53
CA GLY A 46 -8.75 13.46 9.72
C GLY A 46 -8.58 14.27 8.43
N HIS A 47 -7.44 14.94 8.30
CA HIS A 47 -7.14 15.79 7.11
C HIS A 47 -5.75 15.52 6.60
N ILE A 48 -5.25 14.32 6.88
CA ILE A 48 -3.89 13.95 6.46
C ILE A 48 -3.84 13.66 4.97
N ALA A 49 -4.77 12.84 4.46
CA ALA A 49 -4.72 12.49 3.01
C ALA A 49 -4.91 13.67 2.06
N SER A 50 -5.65 14.68 2.50
CA SER A 50 -5.85 15.90 1.68
C SER A 50 -4.79 16.97 2.01
N ALA A 51 -3.90 16.69 2.97
CA ALA A 51 -2.93 17.68 3.43
C ALA A 51 -3.64 18.98 3.89
N ASP A 52 -4.88 18.83 4.35
CA ASP A 52 -5.70 19.95 4.84
C ASP A 52 -5.99 21.01 3.79
N LYS A 53 -5.95 20.62 2.52
CA LYS A 53 -6.29 21.56 1.44
C LYS A 53 -7.79 21.43 1.18
N SER A 54 -8.51 22.56 1.29
CA SER A 54 -9.98 22.56 1.16
C SER A 54 -10.53 21.90 -0.08
N THR A 55 -9.96 22.20 -1.26
CA THR A 55 -10.48 21.55 -2.44
C THR A 55 -10.15 20.09 -2.55
N PHE A 56 -9.34 19.52 -1.64
CA PHE A 56 -8.99 18.12 -1.74
C PHE A 56 -9.74 17.31 -0.64
N PHE A 57 -10.78 17.88 -0.10
CA PHE A 57 -11.48 17.24 1.01
C PHE A 57 -11.94 15.83 0.74
N GLU A 58 -12.25 15.47 -0.52
CA GLU A 58 -12.74 14.12 -0.77
C GLU A 58 -11.72 13.07 -0.35
N LEU A 59 -10.43 13.44 -0.43
CA LEU A 59 -9.41 12.45 -0.07
C LEU A 59 -9.48 12.03 1.35
N ASP A 60 -10.12 12.83 2.21
CA ASP A 60 -10.20 12.50 3.65
C ASP A 60 -11.35 11.52 3.95
N GLN A 61 -12.17 11.18 2.95
CA GLN A 61 -13.21 10.19 3.17
C GLN A 61 -12.51 8.86 3.41
N GLN A 62 -13.11 8.00 4.25
CA GLN A 62 -12.49 6.72 4.57
C GLN A 62 -13.54 5.71 5.03
N THR A 63 -13.67 4.65 4.25
CA THR A 63 -14.54 3.53 4.60
C THR A 63 -13.78 2.31 4.12
N PRO A 64 -14.20 1.12 4.55
CA PRO A 64 -13.46 -0.07 4.10
C PRO A 64 -13.35 -0.28 2.61
N THR A 65 -14.36 0.19 1.82
CA THR A 65 -14.33 -0.03 0.38
C THR A 65 -14.15 1.27 -0.40
N ARG A 66 -14.05 2.39 0.30
CA ARG A 66 -13.99 3.69 -0.39
C ARG A 66 -13.00 3.85 -1.54
N TRP A 67 -11.79 3.32 -1.32
CA TRP A 67 -10.69 3.52 -2.25
C TRP A 67 -10.20 2.25 -2.92
N ASN A 68 -9.73 2.40 -4.16
CA ASN A 68 -9.24 1.26 -4.92
C ASN A 68 -7.86 0.83 -4.40
N LYS A 69 -7.75 -0.41 -3.96
CA LYS A 69 -6.52 -0.88 -3.35
C LYS A 69 -5.69 -1.72 -4.31
N LEU A 70 -4.38 -1.50 -4.30
CA LEU A 70 -3.48 -2.29 -5.14
C LEU A 70 -3.06 -3.52 -4.34
N ASN A 71 -3.07 -4.67 -5.02
CA ASN A 71 -2.61 -5.91 -4.41
C ASN A 71 -1.10 -5.95 -4.43
N LEU A 72 -0.54 -6.01 -3.24
CA LEU A 72 0.93 -6.06 -3.10
C LEU A 72 1.32 -7.15 -2.15
N LYS A 73 2.54 -7.63 -2.28
CA LYS A 73 3.05 -8.60 -1.33
C LYS A 73 3.84 -7.81 -0.29
N THR A 74 3.93 -8.35 0.91
CA THR A 74 4.77 -7.72 1.92
C THR A 74 6.23 -8.00 1.52
N GLY A 75 7.16 -7.43 2.26
CA GLY A 75 8.55 -7.63 1.84
C GLY A 75 9.02 -6.57 0.86
N PRO A 76 10.08 -6.84 0.09
CA PRO A 76 10.65 -5.88 -0.86
C PRO A 76 9.66 -5.30 -1.84
N ASN A 77 9.58 -3.96 -1.84
CA ASN A 77 8.71 -3.22 -2.78
C ASN A 77 9.43 -1.94 -3.21
N SER A 78 9.11 -1.44 -4.39
CA SER A 78 9.72 -0.19 -4.86
C SER A 78 8.62 0.85 -4.89
N PHE A 79 8.97 2.08 -4.53
CA PHE A 79 8.01 3.21 -4.50
C PHE A 79 8.64 4.26 -5.41
N THR A 80 7.95 4.64 -6.47
CA THR A 80 8.48 5.60 -7.44
C THR A 80 7.61 6.83 -7.52
N TRP A 81 8.25 7.97 -7.33
CA TRP A 81 7.61 9.26 -7.45
C TRP A 81 7.92 9.86 -8.83
N LYS A 82 6.92 10.52 -9.39
CA LYS A 82 7.09 11.32 -10.60
C LYS A 82 6.96 12.75 -10.08
N LEU A 83 8.01 13.57 -10.26
CA LEU A 83 7.97 14.94 -9.78
C LEU A 83 7.77 15.92 -10.92
N THR A 84 6.83 16.86 -10.73
CA THR A 84 6.64 17.91 -11.71
C THR A 84 7.47 19.14 -11.33
N ALA A 85 7.86 19.25 -10.05
CA ALA A 85 8.77 20.34 -9.61
C ALA A 85 9.74 19.70 -8.63
N ARG A 86 11.03 19.83 -8.92
CA ARG A 86 12.07 19.13 -8.14
C ARG A 86 12.55 19.97 -6.99
N HIS A 87 11.72 20.07 -5.96
CA HIS A 87 12.07 20.92 -4.84
C HIS A 87 13.17 20.38 -3.93
N SER A 88 14.01 21.30 -3.44
CA SER A 88 15.05 20.97 -2.42
C SER A 88 14.36 20.12 -1.35
N THR A 89 14.94 18.95 -1.05
CA THR A 89 14.31 17.95 -0.20
C THR A 89 14.98 17.64 1.13
N THR A 90 14.18 17.67 2.20
CA THR A 90 14.65 17.20 3.50
C THR A 90 14.53 15.69 3.62
N SER A 91 13.36 15.13 3.33
CA SER A 91 13.21 13.69 3.52
C SER A 91 12.05 13.12 2.80
N TRP A 92 12.11 11.79 2.68
CA TRP A 92 11.05 10.94 2.14
C TRP A 92 10.80 9.91 3.22
N ARG A 93 9.55 9.78 3.67
CA ARG A 93 9.24 8.81 4.74
C ARG A 93 8.05 7.98 4.33
N TYR A 94 8.08 6.69 4.65
CA TYR A 94 6.96 5.84 4.30
C TYR A 94 6.45 5.20 5.57
N PHE A 95 5.19 5.51 5.87
CA PHE A 95 4.49 4.99 7.06
C PHE A 95 3.44 4.00 6.61
N ILE A 96 3.11 3.04 7.47
CA ILE A 96 1.99 2.15 7.15
C ILE A 96 1.02 2.12 8.34
N THR A 97 -0.25 1.92 8.02
CA THR A 97 -1.25 1.81 9.08
C THR A 97 -0.89 0.68 10.11
N LYS A 98 -1.42 0.85 11.32
CA LYS A 98 -1.17 -0.14 12.36
C LYS A 98 -1.78 -1.49 12.00
N PRO A 99 -1.20 -2.57 12.51
CA PRO A 99 -1.69 -3.90 12.18
C PRO A 99 -3.18 -4.10 12.35
N ASN A 100 -3.75 -3.42 13.36
CA ASN A 100 -5.17 -3.55 13.66
C ASN A 100 -5.92 -2.23 13.56
N TRP A 101 -5.53 -1.43 12.56
CA TRP A 101 -6.20 -0.14 12.33
C TRP A 101 -7.63 -0.39 11.86
N ASP A 102 -8.40 0.72 11.86
CA ASP A 102 -9.81 0.66 11.43
C ASP A 102 -10.05 1.48 10.15
N ALA A 103 -10.27 0.79 9.03
CA ALA A 103 -10.51 1.44 7.74
C ALA A 103 -11.84 2.18 7.69
N SER A 104 -12.67 2.07 8.75
CA SER A 104 -13.92 2.80 8.80
C SER A 104 -13.86 4.09 9.57
N GLN A 105 -12.67 4.44 10.06
CA GLN A 105 -12.45 5.72 10.75
C GLN A 105 -11.54 6.62 9.90
N PRO A 106 -11.65 7.94 10.07
CA PRO A 106 -10.81 8.87 9.32
C PRO A 106 -9.35 8.55 9.62
N LEU A 107 -8.47 8.89 8.68
CA LEU A 107 -7.04 8.68 8.93
C LEU A 107 -6.57 9.74 9.94
N THR A 108 -6.00 9.25 11.05
CA THR A 108 -5.44 10.10 12.07
C THR A 108 -4.06 9.52 12.45
N ARG A 109 -3.33 10.23 13.28
CA ARG A 109 -2.04 9.74 13.74
C ARG A 109 -2.24 8.38 14.45
N ALA A 110 -3.38 8.20 15.12
CA ALA A 110 -3.67 6.90 15.76
C ALA A 110 -3.84 5.74 14.80
N SER A 111 -4.13 6.06 13.53
CA SER A 111 -4.28 5.00 12.53
C SER A 111 -2.94 4.40 12.08
N PHE A 112 -1.88 5.18 12.22
CA PHE A 112 -0.57 4.81 11.68
C PHE A 112 0.47 4.42 12.71
N ASP A 113 1.38 3.54 12.29
CA ASP A 113 2.56 3.28 13.10
C ASP A 113 3.45 4.50 12.72
N LEU A 114 3.78 5.31 13.71
CA LEU A 114 4.55 6.52 13.48
C LEU A 114 6.06 6.34 13.34
N THR A 115 6.51 5.10 13.38
CA THR A 115 7.90 4.80 13.04
C THR A 115 7.81 4.38 11.55
N PRO A 116 8.31 5.20 10.63
CA PRO A 116 8.23 4.79 9.21
C PRO A 116 8.95 3.49 8.94
N PHE A 117 8.49 2.69 7.98
CA PHE A 117 9.22 1.45 7.73
C PHE A 117 10.50 1.76 6.97
N CYS A 118 10.59 2.92 6.31
CA CYS A 118 11.86 3.36 5.72
C CYS A 118 11.84 4.85 5.58
N GLN A 119 13.02 5.46 5.64
CA GLN A 119 13.14 6.91 5.56
C GLN A 119 14.44 7.27 4.87
N PHE A 120 14.43 8.31 4.05
CA PHE A 120 15.60 8.73 3.27
C PHE A 120 15.74 10.24 3.52
N ASN A 121 16.90 10.67 3.97
CA ASN A 121 17.11 12.08 4.33
C ASN A 121 18.11 12.60 3.33
N ASP A 122 17.71 13.61 2.56
CA ASP A 122 18.50 14.12 1.43
C ASP A 122 19.31 15.38 1.69
N GLY A 123 19.16 15.97 2.88
CA GLY A 123 19.98 17.13 3.21
C GLY A 123 19.80 18.37 2.39
N GLY A 124 18.62 18.50 1.78
CA GLY A 124 18.33 19.68 1.01
C GLY A 124 18.66 19.51 -0.46
N ALA A 125 19.15 18.35 -0.89
CA ALA A 125 19.53 18.19 -2.27
C ALA A 125 18.32 18.29 -3.20
N ILE A 126 18.56 18.67 -4.44
CA ILE A 126 17.51 18.75 -5.48
C ILE A 126 17.36 17.33 -6.02
N PRO A 127 16.15 16.76 -5.96
CA PRO A 127 15.94 15.41 -6.45
C PRO A 127 15.83 15.32 -7.93
N ALA A 128 15.98 14.10 -8.47
CA ALA A 128 15.76 13.89 -9.90
C ALA A 128 14.25 13.94 -10.18
N ALA A 129 13.87 13.95 -11.45
CA ALA A 129 12.45 14.01 -11.82
C ALA A 129 11.68 12.74 -11.45
N GLN A 130 12.40 11.62 -11.34
CA GLN A 130 11.82 10.33 -10.95
C GLN A 130 12.69 9.89 -9.79
N VAL A 131 12.04 9.51 -8.69
CA VAL A 131 12.79 9.11 -7.50
C VAL A 131 12.24 7.76 -7.04
N THR A 132 13.10 6.75 -6.87
CA THR A 132 12.62 5.44 -6.45
C THR A 132 13.28 4.99 -5.17
N HIS A 133 12.45 4.51 -4.22
CA HIS A 133 12.90 4.01 -2.96
C HIS A 133 12.54 2.54 -2.87
N GLN A 134 13.48 1.73 -2.38
CA GLN A 134 13.23 0.28 -2.22
C GLN A 134 13.18 0.01 -0.69
N CYS A 135 12.05 -0.52 -0.19
CA CYS A 135 11.88 -0.78 1.23
C CYS A 135 11.10 -2.07 1.38
N ASN A 136 11.10 -2.60 2.60
CA ASN A 136 10.29 -3.80 2.85
C ASN A 136 8.99 -3.39 3.56
N ILE A 137 7.85 -3.78 2.99
CA ILE A 137 6.60 -3.52 3.66
C ILE A 137 6.58 -4.56 4.81
N PRO A 138 6.29 -4.11 6.04
CA PRO A 138 6.27 -5.04 7.21
C PRO A 138 5.43 -6.29 6.94
N ALA A 139 5.99 -7.44 7.31
CA ALA A 139 5.35 -8.71 7.03
C ALA A 139 4.19 -9.01 7.95
N ASP A 140 4.05 -8.29 9.06
CA ASP A 140 2.94 -8.51 9.99
C ASP A 140 1.65 -7.77 9.61
N ARG A 141 1.64 -7.21 8.40
CA ARG A 141 0.43 -6.53 7.89
C ARG A 141 -0.17 -7.46 6.82
N SER A 142 -1.49 -7.64 6.85
CA SER A 142 -2.22 -8.43 5.85
C SER A 142 -3.50 -7.69 5.52
N GLY A 143 -3.98 -7.85 4.31
CA GLY A 143 -5.23 -7.24 3.92
C GLY A 143 -5.16 -5.75 3.70
N SER A 144 -6.27 -5.07 3.90
CA SER A 144 -6.37 -3.65 3.62
C SER A 144 -5.55 -2.78 4.56
N HIS A 145 -4.72 -1.92 3.95
CA HIS A 145 -3.85 -1.00 4.71
C HIS A 145 -3.68 0.25 3.88
N VAL A 146 -3.16 1.26 4.52
CA VAL A 146 -2.81 2.52 3.81
C VAL A 146 -1.34 2.82 4.10
N ILE A 147 -0.58 3.08 3.03
CA ILE A 147 0.81 3.51 3.19
C ILE A 147 0.78 5.02 2.95
N LEU A 148 1.40 5.78 3.85
CA LEU A 148 1.44 7.25 3.71
C LEU A 148 2.88 7.60 3.36
N ALA A 149 3.10 8.07 2.13
CA ALA A 149 4.44 8.53 1.72
C ALA A 149 4.46 10.03 1.94
N VAL A 150 5.44 10.54 2.68
CA VAL A 150 5.51 11.97 3.00
C VAL A 150 6.82 12.53 2.49
N TRP A 151 6.75 13.66 1.78
CA TRP A 151 7.93 14.29 1.19
C TRP A 151 8.05 15.67 1.84
N ASP A 152 9.11 15.86 2.64
CA ASP A 152 9.27 17.16 3.34
C ASP A 152 10.21 18.03 2.59
N ILE A 153 9.79 19.28 2.32
CA ILE A 153 10.58 20.23 1.52
C ILE A 153 11.51 20.99 2.46
N ALA A 154 12.75 21.17 2.01
CA ALA A 154 13.75 21.79 2.91
C ALA A 154 13.70 23.29 2.98
N ASP A 155 13.32 23.92 1.87
CA ASP A 155 13.35 25.38 1.82
C ASP A 155 11.99 26.07 1.85
N THR A 156 10.94 25.31 2.23
CA THR A 156 9.65 25.94 2.42
C THR A 156 9.06 25.32 3.70
N ALA A 157 7.91 25.82 4.09
CA ALA A 157 7.21 25.30 5.28
C ALA A 157 6.38 24.05 4.99
N ASN A 158 6.45 23.53 3.77
CA ASN A 158 5.54 22.48 3.31
C ASN A 158 6.07 21.09 3.11
N ALA A 159 5.10 20.15 2.98
CA ALA A 159 5.42 18.75 2.67
C ALA A 159 4.28 18.28 1.77
N PHE A 160 4.56 17.20 1.05
CA PHE A 160 3.58 16.55 0.18
C PHE A 160 3.19 15.22 0.81
N TYR A 161 1.89 14.92 0.76
CA TYR A 161 1.35 13.75 1.41
C TYR A 161 0.70 12.85 0.39
N GLN A 162 1.13 11.58 0.35
CA GLN A 162 0.59 10.66 -0.62
C GLN A 162 0.09 9.37 0.02
N ALA A 163 -1.20 9.35 0.35
CA ALA A 163 -1.80 8.10 0.86
C ALA A 163 -1.86 7.09 -0.26
N ILE A 164 -1.59 5.80 0.03
CA ILE A 164 -1.61 4.76 -1.02
C ILE A 164 -2.45 3.64 -0.40
N ASP A 165 -3.48 3.18 -1.11
CA ASP A 165 -4.37 2.15 -0.59
C ASP A 165 -3.89 0.81 -1.12
N VAL A 166 -3.69 -0.14 -0.21
CA VAL A 166 -3.11 -1.43 -0.58
C VAL A 166 -3.83 -2.59 0.07
N ASN A 167 -3.66 -3.77 -0.53
CA ASN A 167 -4.26 -5.02 -0.02
C ASN A 167 -3.07 -5.97 -0.03
N LEU A 168 -2.60 -6.28 1.17
CA LEU A 168 -1.36 -7.07 1.32
C LEU A 168 -1.53 -8.56 1.50
N SER A 169 -0.60 -9.28 0.90
CA SER A 169 -0.59 -10.74 1.07
C SER A 169 0.88 -11.18 1.16
N LYS A 170 1.10 -12.44 1.56
CA LYS A 170 2.49 -12.92 1.68
C LYS A 170 2.94 -13.49 0.36
N HIS B 1 -31.85 -23.43 -12.68
CA HIS B 1 -30.44 -23.03 -12.41
C HIS B 1 -29.90 -22.32 -13.63
N GLY B 2 -29.40 -21.13 -13.40
CA GLY B 2 -28.87 -20.33 -14.53
C GLY B 2 -28.49 -18.95 -14.04
N TYR B 3 -27.91 -18.16 -14.92
CA TYR B 3 -27.50 -16.81 -14.50
C TYR B 3 -27.65 -15.88 -15.68
N VAL B 4 -27.64 -14.57 -15.42
CA VAL B 4 -27.71 -13.59 -16.52
C VAL B 4 -26.27 -13.39 -17.01
N GLU B 5 -26.00 -13.80 -18.25
CA GLU B 5 -24.66 -13.71 -18.80
C GLU B 5 -24.40 -12.38 -19.51
N SER B 6 -25.50 -11.75 -19.93
CA SER B 6 -25.37 -10.53 -20.74
C SER B 6 -26.59 -9.66 -20.47
N PRO B 7 -26.47 -8.53 -19.77
CA PRO B 7 -25.24 -7.94 -19.16
C PRO B 7 -24.86 -8.84 -17.98
N ALA B 8 -23.58 -9.15 -17.86
CA ALA B 8 -23.12 -10.13 -16.85
C ALA B 8 -23.52 -9.75 -15.44
N SER B 9 -24.20 -10.70 -14.77
CA SER B 9 -24.65 -10.44 -13.42
C SER B 9 -23.53 -10.39 -12.41
N ARG B 10 -23.88 -9.95 -11.21
CA ARG B 10 -22.88 -9.85 -10.14
C ARG B 10 -22.28 -11.23 -9.84
N ALA B 11 -23.15 -12.22 -9.67
CA ALA B 11 -22.66 -13.58 -9.40
C ALA B 11 -21.79 -14.09 -10.53
N TYR B 12 -22.17 -13.86 -11.80
CA TYR B 12 -21.33 -14.38 -12.87
C TYR B 12 -20.03 -13.60 -12.95
N GLN B 13 -20.04 -12.29 -12.68
CA GLN B 13 -18.76 -11.57 -12.66
C GLN B 13 -17.89 -12.03 -11.50
N CYS B 14 -18.49 -12.49 -10.40
CA CYS B 14 -17.66 -13.15 -9.35
C CYS B 14 -17.00 -14.38 -9.93
N LYS B 15 -17.76 -15.22 -10.67
CA LYS B 15 -17.13 -16.40 -11.28
C LYS B 15 -15.94 -16.02 -12.19
N LEU B 16 -16.11 -14.93 -12.92
CA LEU B 16 -15.08 -14.46 -13.89
C LEU B 16 -13.94 -13.68 -13.26
N GLN B 17 -14.01 -13.54 -11.93
CA GLN B 17 -12.99 -12.81 -11.18
C GLN B 17 -12.96 -11.31 -11.49
N LEU B 18 -14.08 -10.78 -11.99
CA LEU B 18 -14.27 -9.34 -12.22
C LEU B 18 -14.71 -8.67 -10.91
N ASN B 19 -15.46 -9.43 -10.10
CA ASN B 19 -15.79 -9.00 -8.75
C ASN B 19 -14.87 -9.81 -7.82
N THR B 20 -14.57 -9.29 -6.63
CA THR B 20 -13.67 -10.02 -5.72
C THR B 20 -14.32 -10.18 -4.36
N GLN B 21 -13.70 -11.08 -3.57
CA GLN B 21 -14.14 -11.41 -2.19
C GLN B 21 -15.62 -11.85 -2.24
N CYS B 22 -15.92 -12.71 -3.23
CA CYS B 22 -17.32 -13.16 -3.39
C CYS B 22 -17.61 -14.46 -2.68
N GLY B 23 -16.58 -15.21 -2.26
CA GLY B 23 -16.96 -16.44 -1.60
C GLY B 23 -17.43 -17.53 -2.54
N SER B 24 -18.24 -18.43 -1.97
CA SER B 24 -18.72 -19.62 -2.66
C SER B 24 -19.36 -19.43 -4.03
N VAL B 25 -20.12 -18.33 -4.15
CA VAL B 25 -20.89 -18.17 -5.40
C VAL B 25 -20.00 -18.11 -6.65
N GLN B 26 -18.75 -17.71 -6.50
CA GLN B 26 -17.88 -17.68 -7.70
C GLN B 26 -17.74 -19.07 -8.33
N TYR B 27 -18.02 -20.11 -7.54
CA TYR B 27 -17.89 -21.52 -8.02
C TYR B 27 -19.25 -22.14 -8.42
N GLU B 28 -20.32 -21.33 -8.39
CA GLU B 28 -21.68 -21.81 -8.68
C GLU B 28 -22.61 -20.62 -8.87
N PRO B 29 -22.35 -19.76 -9.88
CA PRO B 29 -23.18 -18.57 -10.11
C PRO B 29 -24.58 -18.88 -10.56
N GLN B 30 -24.80 -20.12 -11.02
CA GLN B 30 -26.10 -20.55 -11.53
C GLN B 30 -27.08 -20.94 -10.45
N SER B 31 -26.63 -20.90 -9.19
CA SER B 31 -27.47 -21.43 -8.09
C SER B 31 -27.92 -20.45 -7.06
N VAL B 32 -28.17 -19.19 -7.47
CA VAL B 32 -28.62 -18.19 -6.49
C VAL B 32 -30.14 -18.33 -6.44
N GLU B 33 -30.55 -19.33 -5.67
CA GLU B 33 -31.93 -19.78 -5.58
C GLU B 33 -32.48 -19.57 -4.18
N GLY B 34 -33.72 -19.07 -4.14
CA GLY B 34 -34.38 -18.94 -2.84
C GLY B 34 -35.87 -19.09 -3.06
N LEU B 35 -36.69 -18.55 -2.17
CA LEU B 35 -38.15 -18.71 -2.32
C LEU B 35 -38.69 -17.77 -3.36
N LYS B 36 -39.74 -18.21 -4.04
CA LYS B 36 -40.40 -17.40 -5.06
C LYS B 36 -41.51 -16.50 -4.52
N GLY B 37 -42.15 -15.75 -5.41
CA GLY B 37 -43.21 -14.84 -4.95
C GLY B 37 -42.77 -13.47 -4.50
N PHE B 38 -41.55 -13.08 -4.82
CA PHE B 38 -41.06 -11.73 -4.47
C PHE B 38 -41.99 -10.76 -5.18
N PRO B 39 -42.28 -9.60 -4.59
CA PRO B 39 -41.82 -9.10 -3.28
C PRO B 39 -42.71 -9.48 -2.08
N GLN B 40 -43.92 -9.97 -2.31
CA GLN B 40 -44.78 -10.32 -1.15
C GLN B 40 -44.15 -11.45 -0.34
N ALA B 41 -43.43 -12.37 -0.97
CA ALA B 41 -42.74 -13.44 -0.29
C ALA B 41 -41.29 -13.36 -0.76
N GLY B 42 -40.50 -14.41 -0.53
CA GLY B 42 -39.13 -14.38 -1.04
C GLY B 42 -38.07 -14.09 -0.01
N PRO B 43 -36.83 -13.92 -0.45
CA PRO B 43 -35.70 -13.67 0.46
C PRO B 43 -35.90 -12.46 1.35
N ALA B 44 -35.38 -12.55 2.57
CA ALA B 44 -35.48 -11.39 3.46
C ALA B 44 -34.79 -10.14 2.94
N ASP B 45 -35.29 -8.97 3.34
CA ASP B 45 -34.62 -7.72 3.00
C ASP B 45 -33.16 -7.85 3.49
N GLY B 46 -32.25 -7.30 2.71
CA GLY B 46 -30.85 -7.40 3.06
C GLY B 46 -30.18 -8.71 2.63
N HIS B 47 -31.01 -9.65 2.16
CA HIS B 47 -30.49 -10.93 1.66
C HIS B 47 -31.17 -11.27 0.35
N ILE B 48 -31.43 -10.24 -0.48
CA ILE B 48 -32.10 -10.46 -1.75
C ILE B 48 -31.07 -10.94 -2.77
N ALA B 49 -29.91 -10.30 -2.83
CA ALA B 49 -28.90 -10.69 -3.81
C ALA B 49 -28.35 -12.09 -3.63
N SER B 50 -28.35 -12.60 -2.39
CA SER B 50 -27.91 -13.95 -2.11
C SER B 50 -29.06 -14.96 -2.15
N ALA B 51 -30.29 -14.48 -2.37
CA ALA B 51 -31.50 -15.29 -2.30
C ALA B 51 -31.60 -15.98 -0.93
N ASP B 52 -31.05 -15.35 0.10
CA ASP B 52 -31.15 -15.81 1.51
C ASP B 52 -30.44 -17.17 1.71
N LYS B 53 -29.34 -17.38 0.98
CA LYS B 53 -28.52 -18.60 1.13
C LYS B 53 -27.26 -18.16 1.86
N SER B 54 -27.01 -18.67 3.08
CA SER B 54 -25.90 -18.13 3.85
C SER B 54 -24.51 -18.21 3.22
N THR B 55 -24.27 -19.25 2.42
CA THR B 55 -22.95 -19.37 1.79
C THR B 55 -22.76 -18.31 0.71
N PHE B 56 -23.83 -17.60 0.34
CA PHE B 56 -23.80 -16.54 -0.67
C PHE B 56 -23.96 -15.14 -0.07
N PHE B 57 -23.88 -15.00 1.27
CA PHE B 57 -24.11 -13.68 1.88
C PHE B 57 -23.11 -12.64 1.47
N GLU B 58 -21.96 -13.02 0.91
CA GLU B 58 -21.03 -11.97 0.42
C GLU B 58 -21.75 -11.11 -0.61
N LEU B 59 -22.70 -11.67 -1.37
CA LEU B 59 -23.40 -10.90 -2.39
C LEU B 59 -24.27 -9.83 -1.79
N ASP B 60 -24.59 -9.96 -0.48
CA ASP B 60 -25.47 -8.95 0.16
C ASP B 60 -24.71 -7.73 0.62
N GLN B 61 -23.37 -7.78 0.55
CA GLN B 61 -22.60 -6.55 0.82
C GLN B 61 -23.06 -5.48 -0.16
N GLN B 62 -23.05 -4.22 0.27
CA GLN B 62 -23.47 -3.16 -0.65
C GLN B 62 -22.83 -1.86 -0.27
N THR B 63 -21.96 -1.34 -1.14
CA THR B 63 -21.36 -0.01 -0.92
C THR B 63 -21.26 0.58 -2.32
N PRO B 64 -21.04 1.88 -2.44
CA PRO B 64 -20.97 2.48 -3.77
C PRO B 64 -19.91 1.93 -4.70
N THR B 65 -18.79 1.41 -4.14
CA THR B 65 -17.69 0.90 -4.94
C THR B 65 -17.50 -0.60 -4.82
N ARG B 66 -18.45 -1.28 -4.15
CA ARG B 66 -18.26 -2.70 -3.90
C ARG B 66 -18.22 -3.60 -5.12
N TRP B 67 -19.08 -3.29 -6.09
CA TRP B 67 -19.26 -4.20 -7.26
C TRP B 67 -18.91 -3.58 -8.59
N ASN B 68 -18.45 -4.44 -9.51
CA ASN B 68 -18.06 -3.97 -10.83
C ASN B 68 -19.33 -3.72 -11.67
N LYS B 69 -19.44 -2.49 -12.13
CA LYS B 69 -20.63 -2.06 -12.86
C LYS B 69 -20.46 -2.00 -14.33
N LEU B 70 -21.48 -2.47 -15.03
CA LEU B 70 -21.47 -2.36 -16.52
C LEU B 70 -22.01 -0.96 -16.95
N ASN B 71 -21.28 -0.30 -17.85
CA ASN B 71 -21.76 1.01 -18.33
C ASN B 71 -22.77 0.70 -19.43
N LEU B 72 -24.03 1.11 -19.20
CA LEU B 72 -25.12 0.87 -20.14
C LEU B 72 -25.91 2.14 -20.34
N LYS B 73 -26.72 2.20 -21.40
CA LYS B 73 -27.59 3.32 -21.61
C LYS B 73 -28.99 2.94 -21.15
N THR B 74 -29.82 3.93 -20.80
CA THR B 74 -31.19 3.61 -20.50
C THR B 74 -31.87 3.30 -21.85
N GLY B 75 -33.14 2.93 -21.81
CA GLY B 75 -33.82 2.60 -23.02
C GLY B 75 -33.67 1.16 -23.44
N PRO B 76 -33.72 0.87 -24.72
CA PRO B 76 -33.62 -0.50 -25.22
C PRO B 76 -32.38 -1.26 -24.80
N ASN B 77 -32.60 -2.45 -24.19
CA ASN B 77 -31.48 -3.29 -23.74
C ASN B 77 -31.97 -4.74 -23.78
N SER B 78 -31.05 -5.67 -23.95
CA SER B 78 -31.45 -7.10 -23.94
C SER B 78 -30.77 -7.79 -22.77
N PHE B 79 -31.49 -8.77 -22.19
CA PHE B 79 -30.99 -9.54 -21.06
C PHE B 79 -31.04 -11.00 -21.44
N THR B 80 -29.88 -11.67 -21.36
CA THR B 80 -29.81 -13.08 -21.77
C THR B 80 -29.36 -13.96 -20.58
N TRP B 81 -30.16 -15.00 -20.31
CA TRP B 81 -29.80 -15.98 -19.27
C TRP B 81 -29.23 -17.20 -19.96
N LYS B 82 -28.26 -17.81 -19.30
CA LYS B 82 -27.66 -19.07 -19.68
C LYS B 82 -28.10 -20.02 -18.57
N LEU B 83 -28.82 -21.08 -18.93
CA LEU B 83 -29.34 -22.00 -17.92
C LEU B 83 -28.56 -23.29 -17.90
N THR B 84 -28.27 -23.78 -16.70
CA THR B 84 -27.65 -25.10 -16.55
C THR B 84 -28.77 -26.17 -16.35
N ALA B 85 -30.00 -25.76 -16.00
CA ALA B 85 -31.14 -26.68 -15.87
C ALA B 85 -32.35 -25.89 -16.32
N ARG B 86 -33.12 -26.47 -17.23
CA ARG B 86 -34.25 -25.79 -17.82
C ARG B 86 -35.55 -26.10 -17.08
N HIS B 87 -35.86 -25.30 -16.08
CA HIS B 87 -37.03 -25.56 -15.26
C HIS B 87 -38.29 -24.93 -15.77
N SER B 88 -39.42 -25.58 -15.55
CA SER B 88 -40.76 -25.06 -15.89
C SER B 88 -40.84 -23.66 -15.27
N THR B 89 -41.24 -22.68 -16.05
CA THR B 89 -41.16 -21.30 -15.64
C THR B 89 -42.45 -20.52 -15.55
N THR B 90 -42.67 -19.83 -14.44
CA THR B 90 -43.83 -18.92 -14.34
C THR B 90 -43.52 -17.60 -15.00
N SER B 91 -42.40 -16.96 -14.60
CA SER B 91 -42.12 -15.64 -15.16
C SER B 91 -40.68 -15.25 -15.02
N TRP B 92 -40.36 -14.23 -15.81
CA TRP B 92 -39.01 -13.58 -15.77
C TRP B 92 -39.36 -12.13 -15.54
N ARG B 93 -38.82 -11.55 -14.44
CA ARG B 93 -39.13 -10.12 -14.12
C ARG B 93 -37.83 -9.38 -13.82
N TYR B 94 -37.81 -8.12 -14.18
CA TYR B 94 -36.63 -7.30 -13.99
C TYR B 94 -37.06 -6.04 -13.27
N PHE B 95 -36.46 -5.85 -12.12
CA PHE B 95 -36.72 -4.66 -11.27
C PHE B 95 -35.46 -3.79 -11.27
N ILE B 96 -35.64 -2.48 -11.06
CA ILE B 96 -34.45 -1.63 -10.97
C ILE B 96 -34.61 -0.74 -9.71
N THR B 97 -33.47 -0.42 -9.10
CA THR B 97 -33.45 0.43 -7.92
C THR B 97 -34.14 1.79 -8.22
N LYS B 98 -34.67 2.43 -7.17
CA LYS B 98 -35.34 3.73 -7.34
C LYS B 98 -34.29 4.75 -7.77
N PRO B 99 -34.74 5.81 -8.42
CA PRO B 99 -33.76 6.81 -8.88
C PRO B 99 -32.91 7.41 -7.81
N ASN B 100 -33.49 7.54 -6.61
CA ASN B 100 -32.81 8.16 -5.49
C ASN B 100 -32.26 7.13 -4.49
N TRP B 101 -32.08 5.87 -4.91
CA TRP B 101 -31.63 4.86 -3.93
C TRP B 101 -30.23 5.09 -3.32
N ASP B 102 -29.98 4.43 -2.18
CA ASP B 102 -28.71 4.59 -1.47
C ASP B 102 -27.84 3.36 -1.70
N ALA B 103 -26.83 3.51 -2.55
CA ALA B 103 -25.91 2.41 -2.89
C ALA B 103 -25.02 2.01 -1.73
N SER B 104 -25.14 2.70 -0.58
CA SER B 104 -24.37 2.31 0.60
C SER B 104 -25.16 1.46 1.57
N GLN B 105 -26.44 1.15 1.27
CA GLN B 105 -27.23 0.38 2.23
C GLN B 105 -27.58 -0.95 1.58
N PRO B 106 -27.84 -1.97 2.42
CA PRO B 106 -28.21 -3.29 1.88
C PRO B 106 -29.44 -3.17 1.00
N LEU B 107 -29.52 -4.06 -0.01
CA LEU B 107 -30.70 -4.06 -0.87
C LEU B 107 -31.91 -4.59 -0.13
N THR B 108 -33.00 -3.81 -0.15
CA THR B 108 -34.24 -4.25 0.48
C THR B 108 -35.37 -3.99 -0.52
N ARG B 109 -36.60 -4.41 -0.21
CA ARG B 109 -37.72 -4.10 -1.08
C ARG B 109 -37.87 -2.57 -1.26
N ALA B 110 -37.51 -1.81 -0.24
CA ALA B 110 -37.61 -0.36 -0.35
C ALA B 110 -36.57 0.24 -1.27
N SER B 111 -35.54 -0.52 -1.63
CA SER B 111 -34.48 -0.01 -2.55
C SER B 111 -34.98 0.02 -3.97
N PHE B 112 -35.93 -0.86 -4.25
CA PHE B 112 -36.44 -1.07 -5.60
C PHE B 112 -37.79 -0.47 -5.91
N ASP B 113 -37.97 -0.10 -7.20
CA ASP B 113 -39.35 0.16 -7.67
C ASP B 113 -39.92 -1.28 -7.82
N LEU B 114 -40.97 -1.61 -7.06
CA LEU B 114 -41.54 -2.97 -7.06
C LEU B 114 -42.48 -3.32 -8.22
N THR B 115 -42.65 -2.37 -9.13
CA THR B 115 -43.35 -2.68 -10.38
C THR B 115 -42.16 -2.99 -11.34
N PRO B 116 -42.07 -4.23 -11.84
CA PRO B 116 -40.95 -4.53 -12.72
C PRO B 116 -40.95 -3.67 -13.96
N PHE B 117 -39.75 -3.32 -14.47
CA PHE B 117 -39.69 -2.56 -15.70
C PHE B 117 -39.75 -3.44 -16.94
N CYS B 118 -39.68 -4.77 -16.73
CA CYS B 118 -39.74 -5.71 -17.87
C CYS B 118 -40.23 -7.02 -17.28
N GLN B 119 -41.14 -7.69 -18.00
CA GLN B 119 -41.66 -8.97 -17.49
C GLN B 119 -42.16 -9.84 -18.63
N PHE B 120 -41.85 -11.15 -18.58
CA PHE B 120 -42.32 -12.11 -19.58
C PHE B 120 -42.92 -13.25 -18.76
N ASN B 121 -44.15 -13.63 -19.10
CA ASN B 121 -44.88 -14.69 -18.40
C ASN B 121 -44.89 -15.93 -19.31
N ASP B 122 -44.48 -17.07 -18.76
CA ASP B 122 -44.36 -18.28 -19.56
C ASP B 122 -45.38 -19.37 -19.25
N GLY B 123 -46.20 -19.16 -18.22
CA GLY B 123 -47.30 -20.09 -17.96
C GLY B 123 -46.91 -21.53 -17.69
N GLY B 124 -45.68 -21.74 -17.19
CA GLY B 124 -45.18 -23.07 -16.87
C GLY B 124 -44.33 -23.70 -17.98
N ALA B 125 -44.23 -23.02 -19.13
CA ALA B 125 -43.43 -23.61 -20.18
C ALA B 125 -41.97 -23.78 -19.76
N ILE B 126 -41.33 -24.80 -20.33
CA ILE B 126 -39.91 -25.11 -20.06
C ILE B 126 -39.12 -24.36 -21.11
N PRO B 127 -38.19 -23.51 -20.70
CA PRO B 127 -37.41 -22.72 -21.67
C PRO B 127 -36.29 -23.47 -22.35
N ALA B 128 -35.71 -22.82 -23.36
CA ALA B 128 -34.48 -23.33 -23.96
C ALA B 128 -33.33 -23.05 -22.96
N ALA B 129 -32.13 -23.55 -23.26
CA ALA B 129 -30.99 -23.33 -22.37
C ALA B 129 -30.47 -21.90 -22.40
N GLN B 130 -30.88 -21.12 -23.40
CA GLN B 130 -30.49 -19.70 -23.51
C GLN B 130 -31.80 -18.96 -23.74
N VAL B 131 -32.05 -17.92 -22.91
CA VAL B 131 -33.28 -17.12 -22.98
C VAL B 131 -32.88 -15.65 -23.07
N THR B 132 -33.52 -14.93 -23.98
CA THR B 132 -33.22 -13.50 -24.14
C THR B 132 -34.52 -12.69 -24.11
N HIS B 133 -34.49 -11.64 -23.31
CA HIS B 133 -35.64 -10.74 -23.20
C HIS B 133 -35.27 -9.32 -23.62
N GLN B 134 -36.13 -8.68 -24.41
CA GLN B 134 -35.93 -7.29 -24.79
C GLN B 134 -36.68 -6.44 -23.80
N CYS B 135 -35.94 -5.48 -23.21
CA CYS B 135 -36.51 -4.63 -22.18
C CYS B 135 -36.18 -3.18 -22.43
N ASN B 136 -36.87 -2.29 -21.73
CA ASN B 136 -36.55 -0.86 -21.83
C ASN B 136 -36.16 -0.41 -20.39
N ILE B 137 -34.88 -0.06 -20.19
CA ILE B 137 -34.46 0.42 -18.84
C ILE B 137 -35.04 1.83 -18.68
N PRO B 138 -35.77 2.09 -17.58
CA PRO B 138 -36.39 3.43 -17.41
C PRO B 138 -35.40 4.60 -17.54
N ALA B 139 -35.87 5.62 -18.24
CA ALA B 139 -35.01 6.78 -18.52
C ALA B 139 -34.78 7.72 -17.36
N ASP B 140 -35.51 7.54 -16.25
CA ASP B 140 -35.35 8.42 -15.08
C ASP B 140 -34.23 7.99 -14.09
N ARG B 141 -33.46 6.96 -14.50
CA ARG B 141 -32.33 6.52 -13.71
C ARG B 141 -31.04 6.92 -14.42
N SER B 142 -30.08 7.37 -13.63
CA SER B 142 -28.75 7.70 -14.15
C SER B 142 -27.73 7.28 -13.11
N GLY B 143 -26.52 6.95 -13.55
CA GLY B 143 -25.50 6.56 -12.58
C GLY B 143 -25.65 5.15 -12.09
N SER B 144 -25.16 4.95 -10.85
CA SER B 144 -25.10 3.62 -10.26
C SER B 144 -26.46 3.12 -9.83
N HIS B 145 -26.82 1.92 -10.32
CA HIS B 145 -28.09 1.27 -10.00
C HIS B 145 -27.89 -0.22 -9.96
N VAL B 146 -28.90 -0.90 -9.43
CA VAL B 146 -28.89 -2.36 -9.47
C VAL B 146 -30.16 -2.83 -10.13
N ILE B 147 -29.99 -3.72 -11.12
CA ILE B 147 -31.15 -4.38 -11.74
C ILE B 147 -31.25 -5.76 -11.11
N LEU B 148 -32.44 -6.12 -10.62
CA LEU B 148 -32.64 -7.46 -10.06
C LEU B 148 -33.46 -8.27 -11.03
N ALA B 149 -32.82 -9.31 -11.63
CA ALA B 149 -33.49 -10.19 -12.57
C ALA B 149 -33.97 -11.39 -11.74
N VAL B 150 -35.26 -11.69 -11.85
CA VAL B 150 -35.85 -12.75 -11.04
C VAL B 150 -36.56 -13.75 -11.92
N TRP B 151 -36.31 -15.03 -11.69
CA TRP B 151 -36.87 -16.13 -12.50
C TRP B 151 -37.70 -17.00 -11.57
N ASP B 152 -39.04 -16.92 -11.66
CA ASP B 152 -39.93 -17.72 -10.76
C ASP B 152 -40.23 -19.06 -11.39
N ILE B 153 -39.92 -20.14 -10.65
CA ILE B 153 -40.14 -21.52 -11.12
C ILE B 153 -41.58 -21.94 -10.87
N ALA B 154 -42.23 -22.55 -11.88
CA ALA B 154 -43.65 -22.87 -11.74
C ALA B 154 -43.92 -24.09 -10.90
N ASP B 155 -43.01 -25.06 -10.93
CA ASP B 155 -43.29 -26.34 -10.27
C ASP B 155 -42.53 -26.65 -9.01
N THR B 156 -41.92 -25.59 -8.46
CA THR B 156 -41.25 -25.70 -7.17
C THR B 156 -41.58 -24.41 -6.36
N ALA B 157 -41.10 -24.36 -5.10
CA ALA B 157 -41.30 -23.19 -4.25
C ALA B 157 -40.30 -22.10 -4.55
N ASN B 158 -39.42 -22.26 -5.58
CA ASN B 158 -38.27 -21.37 -5.67
C ASN B 158 -38.21 -20.42 -6.85
N ALA B 159 -37.31 -19.47 -6.68
CA ALA B 159 -36.97 -18.48 -7.77
C ALA B 159 -35.48 -18.27 -7.73
N PHE B 160 -34.95 -17.82 -8.87
CA PHE B 160 -33.52 -17.45 -8.97
C PHE B 160 -33.41 -15.95 -9.02
N TYR B 161 -32.39 -15.42 -8.33
CA TYR B 161 -32.19 -13.98 -8.17
C TYR B 161 -30.84 -13.59 -8.69
N GLN B 162 -30.86 -12.67 -9.67
CA GLN B 162 -29.63 -12.23 -10.27
C GLN B 162 -29.49 -10.72 -10.24
N ALA B 163 -28.80 -10.22 -9.21
CA ALA B 163 -28.50 -8.78 -9.16
C ALA B 163 -27.48 -8.47 -10.25
N ILE B 164 -27.65 -7.31 -10.89
CA ILE B 164 -26.76 -6.86 -11.98
C ILE B 164 -26.39 -5.42 -11.64
N ASP B 165 -25.09 -5.11 -11.56
CA ASP B 165 -24.65 -3.74 -11.18
C ASP B 165 -24.40 -2.94 -12.43
N VAL B 166 -25.08 -1.80 -12.53
CA VAL B 166 -24.94 -1.00 -13.74
C VAL B 166 -24.64 0.48 -13.44
N ASN B 167 -24.13 1.19 -14.45
CA ASN B 167 -23.84 2.63 -14.33
C ASN B 167 -24.50 3.13 -15.60
N LEU B 168 -25.61 3.85 -15.46
CA LEU B 168 -26.43 4.28 -16.59
C LEU B 168 -26.20 5.70 -17.09
N SER B 169 -26.21 5.81 -18.40
CA SER B 169 -26.16 7.13 -19.04
C SER B 169 -27.33 7.27 -20.05
N LYS B 170 -27.51 8.50 -20.55
CA LYS B 170 -28.61 8.81 -21.47
C LYS B 170 -28.40 8.24 -22.86
N HIS C 1 25.20 -11.11 14.75
CA HIS C 1 26.58 -10.96 14.18
C HIS C 1 26.51 -10.81 12.68
N GLY C 2 27.31 -9.89 12.14
CA GLY C 2 27.29 -9.66 10.70
C GLY C 2 28.21 -8.49 10.36
N TYR C 3 28.50 -8.32 9.06
CA TYR C 3 29.38 -7.26 8.64
C TYR C 3 28.93 -6.80 7.28
N VAL C 4 29.40 -5.62 6.86
CA VAL C 4 29.06 -5.11 5.53
C VAL C 4 30.12 -5.66 4.58
N GLU C 5 29.65 -6.51 3.66
CA GLU C 5 30.55 -7.18 2.72
C GLU C 5 30.90 -6.34 1.50
N SER C 6 29.92 -5.52 1.08
CA SER C 6 30.15 -4.63 -0.07
C SER C 6 29.28 -3.42 0.08
N PRO C 7 29.85 -2.20 0.08
CA PRO C 7 31.30 -1.87 -0.04
C PRO C 7 31.97 -2.38 1.25
N ALA C 8 33.06 -3.13 1.09
CA ALA C 8 33.69 -3.81 2.22
C ALA C 8 34.02 -2.86 3.36
N SER C 9 33.50 -3.21 4.55
CA SER C 9 33.72 -2.36 5.70
C SER C 9 35.18 -2.36 6.11
N ARG C 10 35.50 -1.42 6.99
CA ARG C 10 36.88 -1.32 7.48
C ARG C 10 37.28 -2.64 8.17
N ALA C 11 36.44 -3.14 9.07
CA ALA C 11 36.76 -4.40 9.76
C ALA C 11 36.89 -5.59 8.82
N TYR C 12 35.99 -5.66 7.84
CA TYR C 12 36.07 -6.79 6.88
C TYR C 12 37.35 -6.65 6.06
N GLN C 13 37.69 -5.43 5.65
CA GLN C 13 38.96 -5.25 4.92
C GLN C 13 40.16 -5.66 5.78
N CYS C 14 40.06 -5.51 7.11
CA CYS C 14 41.17 -6.02 7.97
C CYS C 14 41.26 -7.54 7.80
N LYS C 15 40.13 -8.27 7.75
CA LYS C 15 40.18 -9.73 7.53
C LYS C 15 40.81 -10.01 6.15
N LEU C 16 40.42 -9.23 5.13
CA LEU C 16 40.93 -9.45 3.76
C LEU C 16 42.38 -9.05 3.53
N GLN C 17 42.98 -8.38 4.51
CA GLN C 17 44.34 -7.80 4.48
C GLN C 17 44.47 -6.53 3.61
N LEU C 18 43.32 -5.93 3.26
CA LEU C 18 43.33 -4.64 2.55
C LEU C 18 43.62 -3.54 3.56
N ASN C 19 43.29 -3.77 4.83
CA ASN C 19 43.76 -2.89 5.91
C ASN C 19 44.71 -3.76 6.75
N THR C 20 45.66 -3.09 7.43
CA THR C 20 46.63 -3.84 8.24
C THR C 20 46.76 -3.15 9.62
N GLN C 21 47.53 -3.79 10.51
CA GLN C 21 47.70 -3.30 11.90
C GLN C 21 46.32 -3.12 12.59
N CYS C 22 45.42 -4.05 12.29
CA CYS C 22 44.05 -4.02 12.89
C CYS C 22 43.90 -4.79 14.15
N GLY C 23 44.85 -5.69 14.48
CA GLY C 23 44.66 -6.45 15.70
C GLY C 23 43.60 -7.54 15.58
N SER C 24 43.01 -7.97 16.69
CA SER C 24 42.08 -9.07 16.73
C SER C 24 40.84 -9.03 15.85
N VAL C 25 40.37 -7.82 15.54
CA VAL C 25 39.15 -7.76 14.74
C VAL C 25 39.33 -8.39 13.38
N GLN C 26 40.57 -8.52 12.92
CA GLN C 26 40.75 -9.09 11.57
C GLN C 26 40.26 -10.52 11.53
N TYR C 27 40.13 -11.17 12.69
CA TYR C 27 39.63 -12.56 12.69
C TYR C 27 38.13 -12.69 12.91
N GLU C 28 37.45 -11.59 13.28
CA GLU C 28 36.01 -11.64 13.56
C GLU C 28 35.32 -10.29 13.25
N PRO C 29 35.34 -9.91 11.96
CA PRO C 29 34.72 -8.65 11.59
C PRO C 29 33.24 -8.62 11.80
N GLN C 30 32.62 -9.78 11.99
CA GLN C 30 31.18 -9.85 12.24
C GLN C 30 30.81 -9.55 13.68
N SER C 31 31.81 -9.29 14.52
CA SER C 31 31.52 -9.13 15.97
C SER C 31 31.77 -7.77 16.53
N VAL C 32 31.64 -6.71 15.73
CA VAL C 32 31.89 -5.35 16.23
C VAL C 32 30.57 -4.92 16.87
N GLU C 33 30.39 -5.41 18.10
CA GLU C 33 29.12 -5.30 18.83
C GLU C 33 29.24 -4.40 20.04
N GLY C 34 28.30 -3.43 20.16
CA GLY C 34 28.31 -2.56 21.33
C GLY C 34 26.88 -2.23 21.71
N LEU C 35 26.65 -1.24 22.57
CA LEU C 35 25.29 -0.94 22.99
C LEU C 35 24.57 -0.29 21.83
N LYS C 36 23.24 -0.47 21.82
CA LYS C 36 22.41 0.12 20.75
C LYS C 36 21.90 1.50 21.15
N GLY C 37 21.09 2.10 20.30
CA GLY C 37 20.57 3.41 20.65
C GLY C 37 21.38 4.58 20.14
N PHE C 38 22.36 4.33 19.27
CA PHE C 38 23.14 5.42 18.70
C PHE C 38 22.18 6.36 17.91
N PRO C 39 22.42 7.67 17.89
CA PRO C 39 23.51 8.42 18.54
C PRO C 39 23.22 8.89 19.97
N GLN C 40 21.99 8.78 20.43
CA GLN C 40 21.73 9.22 21.81
C GLN C 40 22.42 8.37 22.86
N ALA C 41 22.59 7.08 22.57
CA ALA C 41 23.30 6.18 23.48
C ALA C 41 24.30 5.47 22.58
N GLY C 42 24.82 4.35 23.04
CA GLY C 42 25.76 3.62 22.15
C GLY C 42 27.21 3.72 22.60
N PRO C 43 28.15 3.37 21.70
CA PRO C 43 29.58 3.41 22.04
C PRO C 43 30.08 4.81 22.30
N ALA C 44 31.03 4.95 23.24
CA ALA C 44 31.55 6.26 23.52
C ALA C 44 32.20 6.96 22.34
N ASP C 45 32.12 8.28 22.33
CA ASP C 45 32.81 9.08 21.35
C ASP C 45 34.29 8.67 21.31
N GLY C 46 34.87 8.61 20.11
CA GLY C 46 36.28 8.18 19.97
C GLY C 46 36.42 6.66 19.95
N HIS C 47 35.33 5.94 20.21
CA HIS C 47 35.31 4.48 20.16
C HIS C 47 34.05 3.97 19.48
N ILE C 48 33.68 4.67 18.40
CA ILE C 48 32.49 4.29 17.63
C ILE C 48 32.80 3.18 16.64
N ALA C 49 33.91 3.28 15.92
CA ALA C 49 34.26 2.24 14.92
C ALA C 49 34.52 0.87 15.55
N SER C 50 34.98 0.83 16.80
CA SER C 50 35.20 -0.43 17.52
C SER C 50 33.98 -0.92 18.33
N ALA C 51 32.90 -0.15 18.29
CA ALA C 51 31.69 -0.42 19.08
C ALA C 51 32.06 -0.37 20.58
N ASP C 52 33.15 0.29 20.90
CA ASP C 52 33.65 0.39 22.29
C ASP C 52 34.09 -0.96 22.85
N LYS C 53 34.56 -1.86 21.98
CA LYS C 53 35.09 -3.15 22.42
C LYS C 53 36.61 -2.94 22.46
N SER C 54 37.18 -3.01 23.65
CA SER C 54 38.60 -2.69 23.78
C SER C 54 39.54 -3.55 22.94
N THR C 55 39.18 -4.83 22.70
CA THR C 55 40.06 -5.66 21.86
C THR C 55 40.06 -5.19 20.41
N PHE C 56 39.10 -4.30 20.10
CA PHE C 56 38.97 -3.77 18.72
C PHE C 56 39.33 -2.31 18.60
N PHE C 57 39.96 -1.73 19.63
CA PHE C 57 40.29 -0.27 19.59
C PHE C 57 41.23 0.15 18.45
N GLU C 58 41.92 -0.81 17.79
CA GLU C 58 42.74 -0.40 16.64
C GLU C 58 41.84 0.23 15.58
N LEU C 59 40.56 -0.17 15.51
CA LEU C 59 39.64 0.42 14.50
C LEU C 59 39.36 1.92 14.79
N ASP C 60 39.65 2.35 16.03
CA ASP C 60 39.42 3.76 16.39
C ASP C 60 40.56 4.68 16.00
N GLN C 61 41.67 4.12 15.51
CA GLN C 61 42.76 4.95 14.99
C GLN C 61 42.17 5.73 13.80
N GLN C 62 42.65 6.95 13.59
CA GLN C 62 42.12 7.76 12.51
C GLN C 62 43.12 8.87 12.09
N THR C 63 43.51 8.82 10.84
CA THR C 63 44.33 9.88 10.21
C THR C 63 43.84 9.92 8.78
N PRO C 64 44.21 10.94 7.99
CA PRO C 64 43.74 11.01 6.61
C PRO C 64 44.12 9.85 5.74
N THR C 65 45.21 9.18 6.09
CA THR C 65 45.75 8.07 5.30
C THR C 65 45.69 6.69 5.95
N ARG C 66 45.15 6.63 7.17
CA ARG C 66 45.15 5.38 7.91
C ARG C 66 44.45 4.20 7.24
N TRP C 67 43.29 4.45 6.64
CA TRP C 67 42.45 3.35 6.17
C TRP C 67 42.28 3.29 4.67
N ASN C 68 42.09 2.09 4.15
CA ASN C 68 41.92 1.89 2.72
C ASN C 68 40.53 2.34 2.30
N LYS C 69 40.48 3.31 1.38
CA LYS C 69 39.20 3.88 0.96
C LYS C 69 38.70 3.33 -0.37
N LEU C 70 37.42 2.99 -0.40
CA LEU C 70 36.80 2.42 -1.59
C LEU C 70 36.31 3.58 -2.44
N ASN C 71 36.55 3.47 -3.75
CA ASN C 71 36.11 4.52 -4.66
C ASN C 71 34.65 4.29 -5.00
N LEU C 72 33.80 5.24 -4.62
CA LEU C 72 32.35 5.13 -4.89
C LEU C 72 31.82 6.44 -5.47
N LYS C 73 30.70 6.36 -6.17
CA LYS C 73 30.02 7.55 -6.68
C LYS C 73 28.98 7.97 -5.65
N THR C 74 28.64 9.25 -5.61
CA THR C 74 27.55 9.69 -4.76
C THR C 74 26.29 9.19 -5.52
N GLY C 75 25.12 9.38 -4.95
CA GLY C 75 23.95 8.86 -5.62
C GLY C 75 23.67 7.42 -5.27
N PRO C 76 22.88 6.70 -6.07
CA PRO C 76 22.49 5.33 -5.83
C PRO C 76 23.60 4.36 -5.57
N ASN C 77 23.54 3.74 -4.38
CA ASN C 77 24.51 2.73 -3.99
C ASN C 77 23.82 1.56 -3.30
N SER C 78 24.42 0.37 -3.33
CA SER C 78 23.88 -0.80 -2.61
C SER C 78 24.85 -1.16 -1.49
N PHE C 79 24.31 -1.47 -0.32
CA PHE C 79 25.13 -1.86 0.85
C PHE C 79 24.62 -3.24 1.22
N THR C 80 25.51 -4.23 1.22
CA THR C 80 25.10 -5.60 1.50
C THR C 80 25.78 -6.14 2.75
N TRP C 81 24.95 -6.56 3.72
CA TRP C 81 25.43 -7.22 4.95
C TRP C 81 25.35 -8.74 4.80
N LYS C 82 26.34 -9.40 5.36
CA LYS C 82 26.32 -10.87 5.47
C LYS C 82 26.17 -11.11 6.97
N LEU C 83 25.14 -11.86 7.35
CA LEU C 83 24.87 -12.11 8.77
C LEU C 83 25.24 -13.52 9.13
N THR C 84 26.03 -13.68 10.19
CA THR C 84 26.44 -15.02 10.62
C THR C 84 25.43 -15.50 11.66
N ALA C 85 24.62 -14.58 12.19
CA ALA C 85 23.55 -14.89 13.17
C ALA C 85 22.41 -13.90 12.88
N ARG C 86 21.26 -14.43 12.48
CA ARG C 86 20.11 -13.57 12.09
C ARG C 86 19.12 -13.13 13.20
N HIS C 87 19.55 -12.15 13.97
CA HIS C 87 18.78 -11.63 15.08
C HIS C 87 17.63 -10.73 14.72
N SER C 88 16.57 -10.83 15.54
CA SER C 88 15.38 -9.98 15.47
C SER C 88 15.93 -8.54 15.40
N THR C 89 15.46 -7.78 14.41
CA THR C 89 16.03 -6.46 14.13
C THR C 89 15.18 -5.26 14.30
N THR C 90 15.71 -4.24 14.97
CA THR C 90 15.01 -2.97 15.09
C THR C 90 15.23 -2.13 13.86
N SER C 91 16.48 -1.96 13.44
CA SER C 91 16.70 -1.06 12.28
C SER C 91 18.07 -1.21 11.69
N TRP C 92 18.22 -0.65 10.48
CA TRP C 92 19.48 -0.59 9.74
C TRP C 92 19.60 0.88 9.39
N ARG C 93 20.72 1.50 9.71
CA ARG C 93 20.88 2.93 9.39
C ARG C 93 22.24 3.17 8.81
N TYR C 94 22.34 4.20 7.99
CA TYR C 94 23.60 4.56 7.35
C TYR C 94 23.81 6.03 7.53
N PHE C 95 24.91 6.37 8.24
CA PHE C 95 25.30 7.74 8.50
C PHE C 95 26.56 8.07 7.72
N ILE C 96 26.78 9.35 7.41
CA ILE C 96 28.03 9.71 6.76
C ILE C 96 28.63 10.94 7.44
N THR C 97 29.96 11.01 7.36
CA THR C 97 30.67 12.15 7.95
C THR C 97 30.18 13.49 7.37
N LYS C 98 30.35 14.54 8.17
CA LYS C 98 30.00 15.90 7.74
C LYS C 98 30.92 16.34 6.63
N PRO C 99 30.46 17.28 5.78
CA PRO C 99 31.24 17.80 4.66
C PRO C 99 32.63 18.22 5.04
N ASN C 100 32.82 18.84 6.17
CA ASN C 100 34.20 19.20 6.43
C ASN C 100 34.75 18.56 7.68
N TRP C 101 34.46 17.26 7.79
CA TRP C 101 34.90 16.54 8.97
C TRP C 101 36.45 16.49 9.06
N ASP C 102 36.92 16.24 10.27
CA ASP C 102 38.36 16.19 10.51
C ASP C 102 38.87 14.77 10.51
N ALA C 103 39.46 14.35 9.38
CA ALA C 103 39.96 12.99 9.25
C ALA C 103 41.22 12.73 10.07
N SER C 104 41.68 13.73 10.81
CA SER C 104 42.87 13.57 11.65
C SER C 104 42.53 13.35 13.11
N GLN C 105 41.25 13.33 13.48
CA GLN C 105 40.87 13.10 14.87
C GLN C 105 39.96 11.89 14.97
N PRO C 106 39.91 11.23 16.12
CA PRO C 106 39.06 10.05 16.30
C PRO C 106 37.64 10.41 15.96
N LEU C 107 36.87 9.43 15.51
CA LEU C 107 35.47 9.66 15.16
C LEU C 107 34.63 9.85 16.41
N THR C 108 33.81 10.91 16.38
CA THR C 108 32.88 11.14 17.49
C THR C 108 31.55 11.45 16.82
N ARG C 109 30.51 11.64 17.61
CA ARG C 109 29.22 11.98 17.01
C ARG C 109 29.38 13.31 16.28
N ALA C 110 30.29 14.21 16.73
CA ALA C 110 30.48 15.46 16.01
C ALA C 110 31.09 15.32 14.62
N SER C 111 31.73 14.17 14.34
CA SER C 111 32.28 13.89 13.00
C SER C 111 31.17 13.57 12.00
N PHE C 112 30.03 13.12 12.49
CA PHE C 112 28.96 12.65 11.61
C PHE C 112 27.76 13.55 11.51
N ASP C 113 27.06 13.46 10.38
CA ASP C 113 25.77 14.09 10.27
C ASP C 113 24.90 13.04 11.00
N LEU C 114 24.27 13.41 12.11
CA LEU C 114 23.50 12.49 12.91
C LEU C 114 22.11 12.12 12.41
N THR C 115 21.75 12.71 11.26
CA THR C 115 20.50 12.27 10.58
C THR C 115 21.08 11.29 9.55
N PRO C 116 20.68 10.02 9.64
CA PRO C 116 21.26 9.08 8.67
C PRO C 116 20.76 9.37 7.26
N PHE C 117 21.54 9.09 6.24
CA PHE C 117 21.03 9.35 4.90
C PHE C 117 19.94 8.38 4.52
N CYS C 118 19.92 7.22 5.15
CA CYS C 118 18.79 6.29 4.94
C CYS C 118 18.64 5.43 6.18
N GLN C 119 17.40 4.99 6.42
CA GLN C 119 17.06 4.21 7.60
C GLN C 119 15.94 3.24 7.28
N PHE C 120 16.08 2.01 7.77
CA PHE C 120 15.04 1.00 7.54
C PHE C 120 14.68 0.49 8.90
N ASN C 121 13.38 0.48 9.21
CA ASN C 121 12.89 0.08 10.53
C ASN C 121 12.10 -1.21 10.32
N ASP C 122 12.63 -2.29 10.89
CA ASP C 122 12.07 -3.62 10.67
C ASP C 122 11.08 -4.13 11.72
N GLY C 123 10.90 -3.41 12.79
CA GLY C 123 9.90 -3.81 13.80
C GLY C 123 10.10 -5.15 14.48
N GLY C 124 11.36 -5.58 14.63
CA GLY C 124 11.63 -6.87 15.28
C GLY C 124 11.67 -8.06 14.33
N ALA C 125 11.47 -7.84 13.03
CA ALA C 125 11.49 -8.96 12.09
C ALA C 125 12.85 -9.66 12.02
N ILE C 126 12.84 -10.95 11.70
CA ILE C 126 14.06 -11.74 11.56
C ILE C 126 14.57 -11.52 10.13
N PRO C 127 15.80 -11.03 9.99
CA PRO C 127 16.33 -10.79 8.64
C PRO C 127 16.84 -12.07 7.95
N ALA C 128 17.02 -11.97 6.63
CA ALA C 128 17.60 -13.08 5.89
C ALA C 128 19.11 -13.08 6.16
N ALA C 129 19.85 -14.10 5.69
CA ALA C 129 21.29 -14.17 5.92
C ALA C 129 22.09 -13.12 5.16
N GLN C 130 21.49 -12.53 4.12
CA GLN C 130 22.12 -11.47 3.30
C GLN C 130 21.05 -10.40 3.23
N VAL C 131 21.41 -9.17 3.54
CA VAL C 131 20.50 -8.05 3.52
C VAL C 131 21.14 -6.94 2.69
N THR C 132 20.43 -6.43 1.68
CA THR C 132 20.94 -5.33 0.88
C THR C 132 20.03 -4.13 0.94
N HIS C 133 20.62 -2.97 1.17
CA HIS C 133 19.88 -1.69 1.19
C HIS C 133 20.36 -0.84 0.05
N GLN C 134 19.44 -0.18 -0.63
CA GLN C 134 19.81 0.74 -1.71
C GLN C 134 19.50 2.15 -1.21
N CYS C 135 20.51 3.01 -1.16
CA CYS C 135 20.32 4.39 -0.72
C CYS C 135 21.19 5.29 -1.57
N ASN C 136 20.92 6.57 -1.50
CA ASN C 136 21.73 7.56 -2.20
C ASN C 136 22.76 8.17 -1.24
N ILE C 137 24.05 8.02 -1.57
CA ILE C 137 25.07 8.69 -0.76
C ILE C 137 24.87 10.21 -1.09
N PRO C 138 24.87 11.09 -0.08
CA PRO C 138 24.65 12.52 -0.33
C PRO C 138 25.51 13.10 -1.42
N ALA C 139 24.82 13.81 -2.32
CA ALA C 139 25.44 14.42 -3.47
C ALA C 139 26.47 15.50 -3.19
N ASP C 140 26.43 16.12 -2.01
CA ASP C 140 27.40 17.18 -1.70
C ASP C 140 28.70 16.66 -1.11
N ARG C 141 28.84 15.34 -1.00
CA ARG C 141 30.05 14.80 -0.41
C ARG C 141 31.05 14.38 -1.45
N SER C 142 32.33 14.76 -1.32
CA SER C 142 33.28 14.26 -2.31
C SER C 142 34.57 13.99 -1.53
N GLY C 143 35.41 13.14 -2.10
CA GLY C 143 36.68 12.81 -1.46
C GLY C 143 36.49 11.92 -0.26
N SER C 144 37.46 11.99 0.67
CA SER C 144 37.48 11.11 1.84
C SER C 144 36.36 11.30 2.84
N HIS C 145 35.64 10.20 3.12
CA HIS C 145 34.55 10.22 4.08
C HIS C 145 34.44 8.89 4.78
N VAL C 146 33.67 8.82 5.85
CA VAL C 146 33.39 7.53 6.50
C VAL C 146 31.89 7.35 6.58
N ILE C 147 31.40 6.20 6.09
CA ILE C 147 29.99 5.84 6.21
C ILE C 147 29.91 4.86 7.38
N LEU C 148 29.01 5.13 8.33
CA LEU C 148 28.80 4.25 9.48
C LEU C 148 27.49 3.53 9.30
N ALA C 149 27.57 2.20 9.09
CA ALA C 149 26.39 1.35 8.93
C ALA C 149 26.14 0.74 10.30
N VAL C 150 24.91 0.87 10.80
CA VAL C 150 24.55 0.42 12.13
C VAL C 150 23.36 -0.51 12.07
N TRP C 151 23.40 -1.60 12.83
CA TRP C 151 22.33 -2.61 12.85
C TRP C 151 21.89 -2.70 14.31
N ASP C 152 20.66 -2.23 14.60
CA ASP C 152 20.21 -2.30 16.02
C ASP C 152 19.38 -3.55 16.21
N ILE C 153 19.72 -4.36 17.22
CA ILE C 153 19.05 -5.63 17.50
C ILE C 153 17.84 -5.36 18.42
N ALA C 154 16.71 -5.97 18.10
CA ALA C 154 15.50 -5.70 18.87
C ALA C 154 15.41 -6.39 20.24
N ASP C 155 15.93 -7.60 20.32
CA ASP C 155 15.76 -8.37 21.58
C ASP C 155 16.98 -8.46 22.50
N THR C 156 17.96 -7.62 22.25
CA THR C 156 19.14 -7.52 23.14
C THR C 156 19.45 -6.05 23.31
N ALA C 157 20.41 -5.72 24.17
CA ALA C 157 20.81 -4.35 24.38
C ALA C 157 21.79 -3.82 23.33
N ASN C 158 22.07 -4.62 22.29
CA ASN C 158 23.20 -4.24 21.42
C ASN C 158 22.91 -3.92 19.97
N ALA C 159 23.97 -3.44 19.32
CA ALA C 159 23.91 -3.10 17.89
C ALA C 159 25.30 -3.41 17.32
N PHE C 160 25.36 -3.62 15.99
CA PHE C 160 26.64 -3.87 15.32
C PHE C 160 26.99 -2.63 14.55
N TYR C 161 28.28 -2.28 14.58
CA TYR C 161 28.74 -1.05 13.98
C TYR C 161 29.75 -1.38 12.91
N GLN C 162 29.54 -0.82 11.71
CA GLN C 162 30.40 -1.09 10.59
C GLN C 162 30.80 0.18 9.89
N ALA C 163 31.95 0.72 10.28
CA ALA C 163 32.51 1.88 9.61
C ALA C 163 33.04 1.46 8.24
N ILE C 164 32.87 2.32 7.23
CA ILE C 164 33.28 2.02 5.84
C ILE C 164 34.02 3.26 5.36
N ASP C 165 35.25 3.08 4.91
CA ASP C 165 36.07 4.23 4.44
C ASP C 165 35.87 4.38 2.95
N VAL C 166 35.51 5.60 2.54
CA VAL C 166 35.20 5.80 1.10
C VAL C 166 35.85 7.06 0.53
N ASN C 167 36.05 7.02 -0.81
CA ASN C 167 36.58 8.19 -1.55
C ASN C 167 35.48 8.47 -2.59
N LEU C 168 34.79 9.59 -2.42
CA LEU C 168 33.62 9.85 -3.26
C LEU C 168 33.77 10.76 -4.44
N SER C 169 33.09 10.40 -5.51
CA SER C 169 33.04 11.31 -6.65
C SER C 169 31.63 11.53 -7.18
N LYS C 170 31.49 12.67 -7.84
CA LYS C 170 30.32 13.16 -8.59
C LYS C 170 29.34 14.11 -7.98
C1 EDO D . 7.22 23.55 -2.22
O1 EDO D . 6.65 23.80 -0.93
C2 EDO D . 6.89 24.69 -3.18
C2 EDO D . 6.56 24.44 -3.28
O2 EDO D . 5.48 24.78 -3.42
O2 EDO D . 6.71 25.82 -2.89
C1 EDO E . -9.48 20.04 3.96
O1 EDO E . -9.09 18.87 4.68
C2 EDO E . -10.62 20.77 4.67
O2 EDO E . -11.85 20.07 4.43
C1 EDO F . 15.40 -3.35 0.48
O1 EDO F . 14.16 -4.05 0.45
C2 EDO F . 15.97 -3.32 1.90
O2 EDO F . 16.24 -4.65 2.35
C1 EDO G . -1.78 1.65 -13.01
O1 EDO G . -0.36 1.67 -12.80
C2 EDO G . -2.47 2.01 -11.70
O2 EDO G . -2.08 1.10 -10.68
C1 EDO H . -17.15 2.88 12.86
O1 EDO H . -15.75 2.74 13.15
C2 EDO H . -17.67 4.17 13.51
O2 EDO H . -17.43 4.13 14.91
C1 EDO I . -16.93 12.47 -9.46
O1 EDO I . -16.92 11.67 -10.64
C2 EDO I . -15.66 13.32 -9.41
O2 EDO I . -15.64 14.09 -8.21
S SO4 J . -9.16 -7.02 5.45
O1 SO4 J . -8.47 -6.74 4.18
O2 SO4 J . -8.41 -6.46 6.60
O3 SO4 J . -10.51 -6.41 5.40
O4 SO4 J . -9.29 -8.46 5.65
C1 EDO K . -17.06 -0.81 -17.27
O1 EDO K . -17.18 -1.87 -16.30
C2 EDO K . -17.49 -1.33 -18.64
O2 EDO K . -18.90 -1.59 -18.69
C1 EDO L . -35.84 -25.34 -9.25
O1 EDO L . -36.47 -24.74 -8.11
C2 EDO L . -35.11 -26.64 -8.92
C2 EDO L . -34.91 -26.47 -8.79
O2 EDO L . -34.00 -26.35 -8.07
O2 EDO L . -35.62 -27.54 -8.14
C1 EDO M . -43.98 -7.19 1.39
O1 EDO M . -42.95 -8.19 1.50
C2 EDO M . -43.44 -5.81 1.04
O2 EDO M . -43.05 -5.75 -0.34
C1 EDO N . -36.94 -24.61 0.50
O1 EDO N . -38.01 -24.56 -0.45
C2 EDO N . -36.30 -23.22 0.63
O2 EDO N . -35.77 -22.83 -0.63
C1 EDO O . -14.55 -18.82 -0.40
O1 EDO O . -13.60 -18.11 -1.19
C2 EDO O . -15.23 -17.92 0.65
O2 EDO O . -14.36 -17.61 1.75
C1 EDO P . -37.68 -29.97 -14.28
O1 EDO P . -36.52 -29.13 -14.18
C2 EDO P . -38.81 -29.30 -15.07
O2 EDO P . -39.35 -28.18 -14.34
S SO4 Q . -12.31 -15.06 -2.49
O1 SO4 Q . -11.58 -13.82 -2.11
O2 SO4 Q . -11.61 -16.23 -1.90
O3 SO4 Q . -13.69 -14.99 -1.90
O4 SO4 Q . -12.32 -15.17 -3.96
S SO4 R . -31.58 -30.96 -21.20
O1 SO4 R . -30.47 -31.07 -22.15
O2 SO4 R . -31.33 -31.87 -20.07
O3 SO4 R . -31.64 -29.57 -20.67
O4 SO4 R . -32.85 -31.34 -21.84
S SO4 S . -23.76 7.74 -9.33
O1 SO4 S . -22.96 6.85 -10.17
O2 SO4 S . -23.02 7.97 -8.06
O3 SO4 S . -23.97 9.06 -10.00
O4 SO4 S . -25.07 7.12 -9.07
C1 EDO T . 48.23 -1.49 16.42
O1 EDO T . 47.59 -0.86 15.30
C2 EDO T . 49.29 -2.48 15.92
O2 EDO T . 48.66 -3.55 15.20
C1 EDO U . 41.76 -13.99 8.72
O1 EDO U . 40.53 -13.77 9.40
C2 EDO U . 41.65 -15.23 7.84
O2 EDO U . 40.65 -15.06 6.82
C1 EDO V . 21.29 14.05 6.32
O1 EDO V . 21.71 15.40 6.10
C2 EDO V . 22.11 13.13 5.41
O2 EDO V . 21.83 13.47 4.06
NA NA W . 25.02 -12.46 16.71
S SO4 X . 49.02 6.38 8.74
O1 SO4 X . 50.46 6.72 8.66
O2 SO4 X . 48.85 5.03 9.24
O3 SO4 X . 48.37 7.38 9.56
O4 SO4 X . 48.44 6.42 7.39
S SO4 Y . 48.18 -7.36 13.28
O1 SO4 Y . 49.61 -7.03 13.24
O2 SO4 Y . 47.92 -8.29 14.41
O3 SO4 Y . 47.38 -6.17 13.56
O4 SO4 Y . 47.85 -7.99 11.96
#